data_4DHM
#
_entry.id   4DHM
#
_cell.length_a   82.200
_cell.length_b   112.280
_cell.length_c   62.440
_cell.angle_alpha   90.00
_cell.angle_beta   90.00
_cell.angle_gamma   90.00
#
_symmetry.space_group_name_H-M   'C 2 2 21'
#
loop_
_entity.id
_entity.type
_entity.pdbx_description
1 polymer '14-3-3 protein sigma'
2 non-polymer 'MAGNESIUM ION'
3 non-polymer 'CHLORIDE ION'
4 non-polymer GLYCEROL
5 non-polymer '[2-(2-oxo-2-{[3-(trifluoromethyl)phenyl]amino}ethoxy)phenyl]phosphonic acid'
6 water water
#
_entity_poly.entity_id   1
_entity_poly.type   'polypeptide(L)'
_entity_poly.pdbx_seq_one_letter_code
;AMGSMERASLIQKAKLAEQAERYEDMAAFMKGAVEKGEELSCEERNLLSVAYKNVVGGQRAAWRVLSSIEQKSNEEGSEE
KGPEVREYREKVETELQGVCDTVLGLLDSHLIKEAGDAESRVFYLKMKGDYYRYLAEVATGDDKKRIIDSARSAYQEAMD
ISKKEMPPTNPIRLGLALNFSVFHYEIANSPEEAISLAKTTFDEAMADLHTLSEDSYKDSTLIMQLLRDNLTLWT
;
_entity_poly.pdbx_strand_id   A
#
loop_
_chem_comp.id
_chem_comp.type
_chem_comp.name
_chem_comp.formula
0KB non-polymer '[2-(2-oxo-2-{[3-(trifluoromethyl)phenyl]amino}ethoxy)phenyl]phosphonic acid' 'C15 H13 F3 N O5 P'
CL non-polymer 'CHLORIDE ION' 'Cl -1'
GOL non-polymer GLYCEROL 'C3 H8 O3'
MG non-polymer 'MAGNESIUM ION' 'Mg 2'
#
# COMPACT_ATOMS: atom_id res chain seq x y z
N ALA A 1 -16.51 12.85 12.42
CA ALA A 1 -16.69 12.65 13.88
C ALA A 1 -15.46 13.06 14.69
N MET A 2 -14.29 13.24 14.05
CA MET A 2 -13.11 13.65 14.81
C MET A 2 -12.82 15.14 14.72
N GLY A 3 -13.76 15.84 14.13
CA GLY A 3 -13.61 17.28 13.90
C GLY A 3 -13.37 18.12 15.13
N SER A 4 -13.83 17.64 16.28
CA SER A 4 -13.69 18.42 17.52
CA SER A 4 -13.71 18.39 17.52
CA SER A 4 -13.72 18.40 17.51
C SER A 4 -12.44 18.07 18.30
N MET A 5 -11.69 17.04 17.84
CA MET A 5 -10.50 16.64 18.61
C MET A 5 -9.24 17.30 18.05
N GLU A 6 -8.37 17.77 18.95
CA GLU A 6 -7.07 18.38 18.52
C GLU A 6 -6.27 17.41 17.64
N ARG A 7 -5.58 17.98 16.66
CA ARG A 7 -4.69 17.15 15.84
C ARG A 7 -3.71 16.36 16.68
N ALA A 8 -3.07 17.02 17.67
CA ALA A 8 -2.05 16.30 18.42
C ALA A 8 -2.68 15.14 19.21
N SER A 9 -3.91 15.37 19.71
CA SER A 9 -4.61 14.30 20.48
C SER A 9 -5.03 13.13 19.58
N LEU A 10 -5.39 13.41 18.32
CA LEU A 10 -5.70 12.35 17.35
C LEU A 10 -4.45 11.51 17.11
N ILE A 11 -3.30 12.15 16.93
CA ILE A 11 -2.05 11.38 16.70
CA ILE A 11 -2.07 11.39 16.71
C ILE A 11 -1.67 10.58 17.94
N GLN A 12 -1.77 11.21 19.11
CA GLN A 12 -1.49 10.45 20.34
C GLN A 12 -2.41 9.21 20.47
N LYS A 13 -3.71 9.41 20.20
CA LYS A 13 -4.66 8.30 20.30
C LYS A 13 -4.42 7.22 19.22
N ALA A 14 -3.94 7.63 18.04
CA ALA A 14 -3.58 6.64 17.00
C ALA A 14 -2.47 5.72 17.51
N LYS A 15 -1.48 6.29 18.20
CA LYS A 15 -0.39 5.53 18.78
C LYS A 15 -0.87 4.61 19.88
N LEU A 16 -1.79 5.09 20.73
CA LEU A 16 -2.38 4.22 21.77
C LEU A 16 -3.19 3.07 21.13
N ALA A 17 -3.99 3.37 20.10
CA ALA A 17 -4.77 2.35 19.42
C ALA A 17 -3.85 1.30 18.80
N GLU A 18 -2.72 1.72 18.22
CA GLU A 18 -1.77 0.73 17.70
C GLU A 18 -1.27 -0.22 18.83
N GLN A 19 -0.94 0.36 19.99
N GLN A 19 -0.94 0.35 19.99
CA GLN A 19 -0.48 -0.50 21.12
CA GLN A 19 -0.47 -0.45 21.13
C GLN A 19 -1.57 -1.48 21.55
C GLN A 19 -1.55 -1.41 21.65
N ALA A 20 -2.81 -1.02 21.46
CA ALA A 20 -3.97 -1.79 21.93
C ALA A 20 -4.44 -2.76 20.83
N GLU A 21 -3.76 -2.75 19.67
CA GLU A 21 -4.21 -3.49 18.46
C GLU A 21 -5.66 -3.17 18.03
N ARG A 22 -6.01 -1.89 18.11
CA ARG A 22 -7.35 -1.44 17.76
C ARG A 22 -7.20 -0.68 16.48
N TYR A 23 -7.06 -1.44 15.38
CA TYR A 23 -6.69 -0.82 14.09
C TYR A 23 -7.78 0.01 13.44
N GLU A 24 -9.06 -0.40 13.61
CA GLU A 24 -10.15 0.45 13.10
CA GLU A 24 -10.18 0.43 13.12
C GLU A 24 -10.13 1.81 13.82
N ASP A 25 -9.93 1.81 15.13
CA ASP A 25 -9.85 3.09 15.86
C ASP A 25 -8.63 3.90 15.36
N MET A 26 -7.53 3.20 15.17
CA MET A 26 -6.30 3.85 14.75
C MET A 26 -6.55 4.53 13.40
N ALA A 27 -7.24 3.82 12.48
CA ALA A 27 -7.52 4.41 11.15
C ALA A 27 -8.44 5.61 11.29
N ALA A 28 -9.49 5.51 12.13
CA ALA A 28 -10.36 6.68 12.28
C ALA A 28 -9.62 7.89 12.87
N PHE A 29 -8.69 7.65 13.82
CA PHE A 29 -7.93 8.77 14.41
C PHE A 29 -7.04 9.37 13.31
N MET A 30 -6.37 8.52 12.55
CA MET A 30 -5.51 9.09 11.51
C MET A 30 -6.29 9.77 10.38
N LYS A 31 -7.48 9.28 10.03
CA LYS A 31 -8.34 9.97 9.06
C LYS A 31 -8.65 11.37 9.61
N GLY A 32 -9.06 11.41 10.91
CA GLY A 32 -9.28 12.71 11.56
C GLY A 32 -8.09 13.64 11.45
N ALA A 33 -6.89 13.08 11.69
CA ALA A 33 -5.69 13.92 11.62
C ALA A 33 -5.45 14.44 10.20
N VAL A 34 -5.59 13.57 9.19
CA VAL A 34 -5.43 14.07 7.81
C VAL A 34 -6.41 15.18 7.53
N GLU A 35 -7.65 15.01 8.00
CA GLU A 35 -8.71 15.95 7.68
C GLU A 35 -8.52 17.30 8.36
N LYS A 36 -7.54 17.43 9.24
CA LYS A 36 -7.20 18.75 9.73
C LYS A 36 -6.54 19.63 8.67
N GLY A 37 -6.06 19.02 7.56
CA GLY A 37 -5.64 19.86 6.40
C GLY A 37 -4.15 20.13 6.35
N GLU A 38 -3.43 19.83 7.45
CA GLU A 38 -1.97 20.04 7.48
CA GLU A 38 -1.98 20.03 7.51
C GLU A 38 -1.25 18.83 6.86
N GLU A 39 -0.06 19.07 6.31
CA GLU A 39 0.73 17.93 5.77
C GLU A 39 1.09 16.99 6.92
N LEU A 40 1.44 15.74 6.62
CA LEU A 40 1.82 14.75 7.64
C LEU A 40 3.32 14.58 7.68
N SER A 41 3.86 14.45 8.88
CA SER A 41 5.29 14.15 9.00
C SER A 41 5.57 12.67 8.61
N CYS A 42 6.87 12.27 8.54
CA CYS A 42 7.19 10.91 8.21
CA CYS A 42 7.20 10.87 8.27
C CYS A 42 6.54 9.92 9.22
N GLU A 43 6.65 10.23 10.51
CA GLU A 43 6.08 9.35 11.55
CA GLU A 43 6.10 9.35 11.52
C GLU A 43 4.59 9.22 11.35
N GLU A 44 3.94 10.32 11.10
CA GLU A 44 2.45 10.34 10.91
C GLU A 44 2.02 9.59 9.63
N ARG A 45 2.77 9.75 8.51
CA ARG A 45 2.48 8.94 7.30
C ARG A 45 2.57 7.47 7.63
N ASN A 46 3.56 7.09 8.40
CA ASN A 46 3.63 5.69 8.73
C ASN A 46 2.47 5.24 9.60
N LEU A 47 1.97 6.11 10.49
CA LEU A 47 0.82 5.71 11.31
C LEU A 47 -0.42 5.50 10.42
N LEU A 48 -0.60 6.39 9.46
CA LEU A 48 -1.73 6.29 8.51
C LEU A 48 -1.66 4.97 7.77
N SER A 49 -0.46 4.64 7.25
CA SER A 49 -0.28 3.42 6.45
C SER A 49 -0.48 2.18 7.29
N VAL A 50 0.09 2.12 8.48
CA VAL A 50 -0.10 0.93 9.36
C VAL A 50 -1.58 0.74 9.70
N ALA A 51 -2.27 1.84 10.00
CA ALA A 51 -3.70 1.70 10.42
C ALA A 51 -4.50 1.05 9.29
N TYR A 52 -4.43 1.66 8.12
CA TYR A 52 -5.27 1.18 7.03
C TYR A 52 -4.81 -0.19 6.48
N LYS A 53 -3.49 -0.48 6.53
CA LYS A 53 -3.06 -1.77 6.00
CA LYS A 53 -2.92 -1.78 6.12
C LYS A 53 -3.58 -2.87 6.91
N ASN A 54 -3.69 -2.64 8.22
CA ASN A 54 -4.22 -3.66 9.08
C ASN A 54 -5.72 -3.80 8.94
N VAL A 55 -6.44 -2.67 8.76
CA VAL A 55 -7.91 -2.77 8.56
C VAL A 55 -8.22 -3.51 7.23
N VAL A 56 -7.61 -3.07 6.13
CA VAL A 56 -7.89 -3.71 4.82
CA VAL A 56 -7.91 -3.73 4.82
C VAL A 56 -7.37 -5.15 4.82
N GLY A 57 -6.26 -5.41 5.57
CA GLY A 57 -5.70 -6.77 5.63
C GLY A 57 -6.69 -7.75 6.23
N GLY A 58 -7.36 -7.37 7.33
CA GLY A 58 -8.46 -8.17 7.86
C GLY A 58 -9.60 -8.47 6.85
N GLN A 59 -9.97 -7.43 6.08
CA GLN A 59 -11.10 -7.51 5.13
C GLN A 59 -10.62 -8.43 4.01
N ARG A 60 -9.36 -8.26 3.56
CA ARG A 60 -8.89 -9.08 2.42
C ARG A 60 -8.85 -10.57 2.81
N ALA A 61 -8.41 -10.85 4.03
CA ALA A 61 -8.33 -12.22 4.51
C ALA A 61 -9.72 -12.80 4.55
N ALA A 62 -10.67 -12.05 5.09
CA ALA A 62 -12.05 -12.56 5.11
C ALA A 62 -12.65 -12.77 3.73
N TRP A 63 -12.43 -11.80 2.84
CA TRP A 63 -12.92 -11.89 1.48
C TRP A 63 -12.39 -13.16 0.82
N ARG A 64 -11.10 -13.48 1.05
CA ARG A 64 -10.53 -14.67 0.40
C ARG A 64 -11.14 -15.95 0.91
N VAL A 65 -11.34 -16.00 2.21
CA VAL A 65 -12.02 -17.16 2.84
C VAL A 65 -13.43 -17.32 2.19
N LEU A 66 -14.19 -16.23 2.12
CA LEU A 66 -15.58 -16.31 1.64
C LEU A 66 -15.62 -16.63 0.15
N SER A 67 -14.71 -16.05 -0.61
CA SER A 67 -14.67 -16.28 -2.06
CA SER A 67 -14.66 -16.30 -2.06
C SER A 67 -14.37 -17.76 -2.35
N SER A 68 -13.48 -18.32 -1.54
CA SER A 68 -13.09 -19.74 -1.65
C SER A 68 -14.31 -20.60 -1.44
N ILE A 69 -15.03 -20.32 -0.36
CA ILE A 69 -16.25 -21.09 0.00
C ILE A 69 -17.26 -20.94 -1.16
N GLU A 70 -17.42 -19.73 -1.66
CA GLU A 70 -18.41 -19.46 -2.71
C GLU A 70 -18.05 -20.26 -3.96
N GLN A 71 -16.75 -20.24 -4.32
CA GLN A 71 -16.26 -20.95 -5.53
C GLN A 71 -16.57 -22.43 -5.42
N LYS A 72 -16.33 -23.01 -4.25
CA LYS A 72 -16.67 -24.42 -4.03
C LYS A 72 -18.17 -24.70 -4.06
N SER A 73 -18.97 -23.72 -3.65
CA SER A 73 -20.42 -23.90 -3.70
C SER A 73 -20.94 -23.91 -5.13
N ASN A 74 -20.21 -23.27 -6.05
CA ASN A 74 -20.72 -23.06 -7.41
C ASN A 74 -20.31 -24.16 -8.41
N GLY A 82 -28.10 -21.83 -1.42
CA GLY A 82 -28.83 -20.56 -1.31
C GLY A 82 -27.94 -19.35 -1.54
N PRO A 83 -28.48 -18.13 -1.40
CA PRO A 83 -27.74 -16.92 -1.73
C PRO A 83 -26.79 -16.47 -0.61
N GLU A 84 -26.75 -17.17 0.52
CA GLU A 84 -26.13 -16.58 1.70
C GLU A 84 -24.63 -16.36 1.55
N VAL A 85 -23.90 -17.30 0.95
CA VAL A 85 -22.44 -17.12 0.85
CA VAL A 85 -22.44 -17.09 0.89
C VAL A 85 -22.13 -15.94 -0.05
N ARG A 86 -22.82 -15.87 -1.17
CA ARG A 86 -22.62 -14.73 -2.09
C ARG A 86 -23.00 -13.46 -1.39
N GLU A 87 -24.13 -13.43 -0.66
CA GLU A 87 -24.54 -12.21 0.05
C GLU A 87 -23.50 -11.72 1.03
N TYR A 88 -22.93 -12.67 1.78
CA TYR A 88 -22.02 -12.26 2.84
C TYR A 88 -20.66 -11.90 2.23
N ARG A 89 -20.26 -12.61 1.17
CA ARG A 89 -19.01 -12.20 0.48
C ARG A 89 -19.20 -10.77 -0.09
N GLU A 90 -20.36 -10.48 -0.69
CA GLU A 90 -20.63 -9.13 -1.19
CA GLU A 90 -20.68 -9.16 -1.19
C GLU A 90 -20.64 -8.10 -0.08
N LYS A 91 -21.12 -8.45 1.08
CA LYS A 91 -21.13 -7.48 2.22
CA LYS A 91 -21.12 -7.49 2.21
C LYS A 91 -19.67 -7.12 2.58
N VAL A 92 -18.86 -8.14 2.73
CA VAL A 92 -17.45 -7.92 3.11
C VAL A 92 -16.75 -7.15 1.97
N GLU A 93 -17.02 -7.54 0.72
CA GLU A 93 -16.46 -6.83 -0.44
C GLU A 93 -16.80 -5.32 -0.47
N THR A 94 -18.06 -5.00 -0.18
CA THR A 94 -18.49 -3.59 -0.17
CA THR A 94 -18.47 -3.59 -0.18
C THR A 94 -17.78 -2.83 0.94
N GLU A 95 -17.56 -3.49 2.09
CA GLU A 95 -16.94 -2.81 3.22
CA GLU A 95 -16.93 -2.84 3.25
C GLU A 95 -15.47 -2.54 2.88
N LEU A 96 -14.87 -3.53 2.21
CA LEU A 96 -13.46 -3.42 1.74
C LEU A 96 -13.36 -2.26 0.73
N GLN A 97 -14.30 -2.21 -0.22
CA GLN A 97 -14.27 -1.16 -1.25
C GLN A 97 -14.41 0.16 -0.56
N GLY A 98 -15.24 0.20 0.48
CA GLY A 98 -15.40 1.49 1.18
C GLY A 98 -14.14 2.00 1.87
N VAL A 99 -13.40 1.10 2.48
CA VAL A 99 -12.10 1.42 3.14
C VAL A 99 -11.14 1.89 2.06
N CYS A 100 -11.05 1.15 0.96
CA CYS A 100 -10.14 1.61 -0.13
C CYS A 100 -10.53 2.98 -0.66
N ASP A 101 -11.81 3.22 -0.89
CA ASP A 101 -12.27 4.52 -1.37
C ASP A 101 -11.94 5.64 -0.37
N THR A 102 -12.04 5.32 0.91
CA THR A 102 -11.74 6.33 1.98
C THR A 102 -10.27 6.70 1.87
N VAL A 103 -9.43 5.69 1.74
CA VAL A 103 -7.97 5.98 1.71
C VAL A 103 -7.68 6.79 0.45
N LEU A 104 -8.22 6.31 -0.69
CA LEU A 104 -8.00 7.01 -1.95
C LEU A 104 -8.49 8.43 -1.88
N GLY A 105 -9.59 8.62 -1.16
CA GLY A 105 -10.10 9.97 -0.97
C GLY A 105 -9.19 10.90 -0.16
N LEU A 106 -8.55 10.37 0.87
CA LEU A 106 -7.65 11.15 1.66
C LEU A 106 -6.43 11.51 0.82
N LEU A 107 -5.98 10.55 0.00
CA LEU A 107 -4.81 10.85 -0.87
C LEU A 107 -5.14 11.92 -1.88
N ASP A 108 -6.35 11.89 -2.42
CA ASP A 108 -6.79 12.87 -3.42
C ASP A 108 -7.26 14.20 -2.82
N SER A 109 -7.49 14.24 -1.50
CA SER A 109 -8.05 15.44 -0.84
C SER A 109 -7.41 15.69 0.52
N HIS A 110 -6.17 16.18 0.57
CA HIS A 110 -5.38 16.67 -0.55
C HIS A 110 -3.93 16.27 -0.34
N LEU A 111 -3.73 15.03 0.11
CA LEU A 111 -2.37 14.68 0.51
C LEU A 111 -1.37 14.72 -0.65
N ILE A 112 -1.72 14.12 -1.78
CA ILE A 112 -0.76 14.04 -2.90
C ILE A 112 -0.51 15.43 -3.48
N LYS A 113 -1.54 16.24 -3.63
CA LYS A 113 -1.27 17.51 -4.25
C LYS A 113 -0.38 18.40 -3.41
N GLU A 114 -0.40 18.26 -2.08
CA GLU A 114 0.52 19.10 -1.30
CA GLU A 114 0.44 19.06 -1.18
C GLU A 114 1.88 18.49 -1.04
N ALA A 115 2.10 17.27 -1.54
CA ALA A 115 3.36 16.57 -1.20
C ALA A 115 4.42 16.88 -2.26
N GLY A 116 5.38 17.67 -1.84
CA GLY A 116 6.45 18.14 -2.77
C GLY A 116 7.77 17.44 -2.60
N ASP A 117 8.05 16.95 -1.39
CA ASP A 117 9.29 16.21 -1.20
C ASP A 117 9.19 14.80 -1.72
N ALA A 118 10.28 14.29 -2.30
CA ALA A 118 10.23 12.92 -2.75
C ALA A 118 9.73 11.88 -1.75
N GLU A 119 10.18 11.95 -0.49
CA GLU A 119 9.81 10.92 0.49
CA GLU A 119 9.80 10.96 0.53
C GLU A 119 8.28 10.94 0.72
N SER A 120 7.68 12.11 0.72
CA SER A 120 6.23 12.16 0.93
CA SER A 120 6.24 12.18 0.93
C SER A 120 5.47 11.80 -0.34
N ARG A 121 5.91 12.34 -1.49
CA ARG A 121 5.14 12.11 -2.71
C ARG A 121 5.20 10.65 -3.14
N VAL A 122 6.40 10.04 -3.06
CA VAL A 122 6.52 8.59 -3.39
C VAL A 122 5.67 7.76 -2.40
N PHE A 123 5.69 8.12 -1.10
CA PHE A 123 4.94 7.34 -0.10
C PHE A 123 3.46 7.36 -0.49
N TYR A 124 2.94 8.55 -0.80
CA TYR A 124 1.49 8.63 -1.03
C TYR A 124 1.12 7.99 -2.37
N LEU A 125 1.95 8.13 -3.40
CA LEU A 125 1.66 7.48 -4.68
C LEU A 125 1.73 5.96 -4.53
N LYS A 126 2.69 5.45 -3.79
CA LYS A 126 2.68 4.00 -3.53
C LYS A 126 1.34 3.57 -2.87
N MET A 127 0.91 4.34 -1.88
CA MET A 127 -0.37 4.03 -1.22
CA MET A 127 -0.36 4.03 -1.22
C MET A 127 -1.53 4.02 -2.21
N LYS A 128 -1.55 5.00 -3.12
CA LYS A 128 -2.56 5.06 -4.16
C LYS A 128 -2.52 3.80 -5.02
N GLY A 129 -1.33 3.38 -5.43
CA GLY A 129 -1.22 2.09 -6.14
C GLY A 129 -1.73 0.90 -5.33
N ASP A 130 -1.37 0.81 -4.06
CA ASP A 130 -1.73 -0.36 -3.22
C ASP A 130 -3.28 -0.39 -3.07
N TYR A 131 -3.92 0.77 -2.81
CA TYR A 131 -5.40 0.69 -2.60
C TYR A 131 -6.20 0.46 -3.87
N TYR A 132 -5.70 0.96 -5.02
CA TYR A 132 -6.32 0.56 -6.28
C TYR A 132 -6.05 -0.94 -6.50
N ARG A 133 -4.85 -1.44 -6.11
CA ARG A 133 -4.58 -2.86 -6.26
C ARG A 133 -5.56 -3.69 -5.41
N TYR A 134 -5.87 -3.25 -4.20
CA TYR A 134 -6.87 -4.00 -3.39
C TYR A 134 -8.23 -3.96 -4.03
N LEU A 135 -8.60 -2.80 -4.59
CA LEU A 135 -9.87 -2.75 -5.36
C LEU A 135 -9.79 -3.70 -6.52
N ALA A 136 -8.63 -3.78 -7.18
CA ALA A 136 -8.55 -4.69 -8.35
C ALA A 136 -8.73 -6.16 -7.98
N GLU A 137 -8.28 -6.57 -6.78
CA GLU A 137 -8.35 -7.98 -6.35
C GLU A 137 -9.80 -8.45 -6.34
N VAL A 138 -10.72 -7.54 -6.09
CA VAL A 138 -12.15 -7.91 -6.00
C VAL A 138 -12.97 -7.49 -7.21
N ALA A 139 -12.35 -6.83 -8.18
CA ALA A 139 -13.03 -6.28 -9.34
C ALA A 139 -13.27 -7.36 -10.42
N THR A 140 -14.19 -7.20 -11.34
N THR A 140 -14.44 -7.11 -11.05
CA THR A 140 -14.14 -8.14 -12.50
CA THR A 140 -15.22 -7.92 -12.02
C THR A 140 -14.29 -7.38 -13.80
C THR A 140 -16.07 -7.13 -13.10
N GLY A 141 -14.00 -8.03 -14.92
N GLY A 141 -16.46 -5.87 -12.85
CA GLY A 141 -14.34 -7.45 -16.24
CA GLY A 141 -17.39 -5.17 -13.75
C GLY A 141 -13.56 -6.20 -16.62
C GLY A 141 -16.75 -4.42 -14.92
N ASP A 142 -14.22 -5.28 -17.32
N ASP A 142 -17.48 -3.45 -15.49
CA ASP A 142 -13.62 -4.00 -17.74
CA ASP A 142 -17.00 -2.68 -16.63
C ASP A 142 -13.49 -3.09 -16.53
C ASP A 142 -15.62 -2.07 -16.29
N ASP A 143 -14.41 -3.24 -15.61
N ASP A 143 -15.06 -2.54 -15.16
CA ASP A 143 -14.33 -2.44 -14.43
CA ASP A 143 -13.96 -1.84 -14.46
C ASP A 143 -12.91 -2.62 -13.92
C ASP A 143 -12.71 -2.57 -13.85
N LYS A 144 -12.53 -3.91 -13.90
CA LYS A 144 -11.25 -4.42 -13.43
C LYS A 144 -10.13 -3.67 -14.22
N LYS A 145 -10.35 -3.47 -15.54
CA LYS A 145 -9.28 -2.81 -16.36
C LYS A 145 -8.93 -1.41 -15.99
N ARG A 146 -9.94 -0.53 -15.77
CA ARG A 146 -9.66 0.87 -15.46
CA ARG A 146 -9.75 0.84 -15.41
C ARG A 146 -9.03 0.91 -14.07
N ILE A 147 -9.44 0.02 -13.15
CA ILE A 147 -8.88 0.04 -11.77
C ILE A 147 -7.39 -0.39 -11.83
N ILE A 148 -7.11 -1.41 -12.66
CA ILE A 148 -5.77 -1.94 -12.82
C ILE A 148 -4.92 -0.82 -13.41
N ASP A 149 -5.43 -0.11 -14.41
CA ASP A 149 -4.61 0.98 -14.95
CA ASP A 149 -4.74 1.05 -15.01
C ASP A 149 -4.38 2.14 -13.97
N SER A 150 -5.37 2.41 -13.09
CA SER A 150 -5.15 3.40 -12.03
C SER A 150 -4.01 2.98 -11.10
N ALA A 151 -4.01 1.69 -10.73
CA ALA A 151 -2.94 1.21 -9.81
C ALA A 151 -1.59 1.37 -10.54
N ARG A 152 -1.55 0.90 -11.80
CA ARG A 152 -0.32 0.99 -12.61
CA ARG A 152 -0.28 0.96 -12.55
C ARG A 152 0.24 2.41 -12.68
N SER A 153 -0.62 3.34 -13.02
CA SER A 153 -0.25 4.73 -13.20
CA SER A 153 -0.22 4.71 -13.21
C SER A 153 0.34 5.30 -11.93
N ALA A 154 -0.30 4.98 -10.80
CA ALA A 154 0.17 5.54 -9.51
C ALA A 154 1.56 4.94 -9.20
N TYR A 155 1.66 3.59 -9.29
CA TYR A 155 2.97 2.97 -9.06
C TYR A 155 4.03 3.51 -10.01
N GLN A 156 3.67 3.74 -11.26
CA GLN A 156 4.70 4.19 -12.27
C GLN A 156 5.18 5.58 -11.94
N GLU A 157 4.25 6.51 -11.60
CA GLU A 157 4.70 7.87 -11.21
CA GLU A 157 4.65 7.87 -11.17
C GLU A 157 5.61 7.78 -9.97
N ALA A 158 5.27 6.92 -9.01
CA ALA A 158 6.08 6.81 -7.80
C ALA A 158 7.48 6.29 -8.18
N MET A 159 7.51 5.31 -9.07
CA MET A 159 8.79 4.68 -9.48
CA MET A 159 8.78 4.70 -9.50
C MET A 159 9.63 5.77 -10.17
N ASP A 160 9.00 6.55 -11.06
CA ASP A 160 9.80 7.54 -11.82
C ASP A 160 10.46 8.55 -10.84
N ILE A 161 9.67 9.03 -9.86
CA ILE A 161 10.21 9.92 -8.85
C ILE A 161 11.28 9.25 -8.00
N SER A 162 11.06 8.01 -7.55
CA SER A 162 11.97 7.33 -6.65
C SER A 162 13.32 7.12 -7.35
N LYS A 163 13.28 6.83 -8.64
CA LYS A 163 14.56 6.54 -9.36
C LYS A 163 15.36 7.82 -9.56
N LYS A 164 14.69 8.95 -9.65
CA LYS A 164 15.34 10.25 -9.83
CA LYS A 164 15.35 10.24 -9.84
C LYS A 164 15.88 10.85 -8.54
N GLU A 165 15.15 10.63 -7.43
CA GLU A 165 15.33 11.38 -6.20
CA GLU A 165 15.36 11.38 -6.21
C GLU A 165 15.81 10.59 -4.99
N MET A 166 15.81 9.26 -5.06
CA MET A 166 16.20 8.49 -3.89
C MET A 166 17.27 7.50 -4.24
N PRO A 167 18.12 7.11 -3.27
CA PRO A 167 19.15 6.09 -3.52
C PRO A 167 18.48 4.74 -3.63
N PRO A 168 19.15 3.76 -4.25
CA PRO A 168 18.48 2.50 -4.46
C PRO A 168 18.24 1.71 -3.21
N THR A 169 18.85 2.08 -2.08
CA THR A 169 18.57 1.40 -0.83
C THR A 169 17.48 2.06 -0.01
N ASN A 170 16.94 3.19 -0.48
CA ASN A 170 15.95 3.89 0.36
C ASN A 170 14.73 2.96 0.65
N PRO A 171 14.34 2.76 1.92
CA PRO A 171 13.30 1.75 2.18
C PRO A 171 11.96 2.04 1.53
N ILE A 172 11.64 3.32 1.35
CA ILE A 172 10.37 3.60 0.66
CA ILE A 172 10.43 3.75 0.62
C ILE A 172 10.49 3.21 -0.80
N ARG A 173 11.61 3.51 -1.45
CA ARG A 173 11.85 3.05 -2.83
C ARG A 173 11.80 1.53 -2.93
N LEU A 174 12.44 0.83 -1.96
CA LEU A 174 12.45 -0.63 -1.95
C LEU A 174 11.06 -1.20 -1.77
N GLY A 175 10.32 -0.63 -0.86
CA GLY A 175 8.94 -1.15 -0.62
C GLY A 175 8.03 -0.88 -1.81
N LEU A 176 8.19 0.27 -2.45
CA LEU A 176 7.43 0.58 -3.65
C LEU A 176 7.73 -0.47 -4.73
N ALA A 177 9.01 -0.76 -4.95
CA ALA A 177 9.36 -1.75 -5.96
C ALA A 177 8.83 -3.14 -5.63
N LEU A 178 8.92 -3.53 -4.37
CA LEU A 178 8.34 -4.80 -3.92
C LEU A 178 6.87 -4.85 -4.28
N ASN A 179 6.12 -3.83 -3.86
CA ASN A 179 4.63 -3.88 -4.11
C ASN A 179 4.27 -3.78 -5.59
N PHE A 180 5.06 -3.03 -6.39
CA PHE A 180 4.76 -2.93 -7.82
C PHE A 180 5.07 -4.30 -8.44
N SER A 181 6.13 -5.01 -7.96
CA SER A 181 6.41 -6.37 -8.47
CA SER A 181 6.38 -6.37 -8.48
CA SER A 181 6.42 -6.38 -8.44
C SER A 181 5.23 -7.29 -8.17
N VAL A 182 4.68 -7.16 -6.97
CA VAL A 182 3.47 -7.95 -6.60
C VAL A 182 2.30 -7.62 -7.48
N PHE A 183 2.11 -6.34 -7.78
CA PHE A 183 1.05 -5.91 -8.69
C PHE A 183 1.30 -6.65 -10.02
N HIS A 184 2.54 -6.65 -10.53
CA HIS A 184 2.71 -7.26 -11.85
C HIS A 184 2.40 -8.77 -11.78
N TYR A 185 2.82 -9.43 -10.69
CA TYR A 185 2.70 -10.91 -10.65
C TYR A 185 1.24 -11.34 -10.41
N GLU A 186 0.62 -10.65 -9.48
CA GLU A 186 -0.73 -11.07 -9.04
C GLU A 186 -1.90 -10.41 -9.75
N ILE A 187 -1.74 -9.21 -10.26
CA ILE A 187 -2.86 -8.48 -10.83
C ILE A 187 -2.75 -8.36 -12.33
N ALA A 188 -1.55 -7.98 -12.83
CA ALA A 188 -1.39 -7.63 -14.23
C ALA A 188 -1.03 -8.86 -15.09
N ASN A 189 -0.92 -10.02 -14.48
CA ASN A 189 -0.58 -11.26 -15.22
CA ASN A 189 -0.57 -11.26 -15.19
C ASN A 189 0.73 -11.06 -15.97
N SER A 190 1.70 -10.40 -15.33
CA SER A 190 3.01 -10.11 -15.96
C SER A 190 4.13 -10.65 -15.07
N PRO A 191 4.19 -11.99 -14.88
CA PRO A 191 5.16 -12.52 -13.95
C PRO A 191 6.59 -12.20 -14.42
N GLU A 192 6.84 -12.10 -15.72
CA GLU A 192 8.21 -11.79 -16.12
C GLU A 192 8.61 -10.37 -15.72
N GLU A 193 7.69 -9.42 -15.84
CA GLU A 193 7.96 -8.05 -15.38
C GLU A 193 8.16 -8.03 -13.86
N ALA A 194 7.38 -8.82 -13.16
CA ALA A 194 7.52 -8.92 -11.66
C ALA A 194 8.89 -9.39 -11.26
N ILE A 195 9.33 -10.46 -11.93
CA ILE A 195 10.64 -11.07 -11.60
C ILE A 195 11.76 -10.08 -11.99
N SER A 196 11.66 -9.45 -13.16
CA SER A 196 12.70 -8.51 -13.61
CA SER A 196 12.70 -8.51 -13.59
C SER A 196 12.81 -7.34 -12.65
N LEU A 197 11.63 -6.80 -12.28
CA LEU A 197 11.65 -5.67 -11.35
C LEU A 197 12.26 -6.07 -9.99
N ALA A 198 11.86 -7.21 -9.44
CA ALA A 198 12.36 -7.56 -8.10
C ALA A 198 13.89 -7.81 -8.17
N LYS A 199 14.32 -8.46 -9.26
CA LYS A 199 15.76 -8.77 -9.40
CA LYS A 199 15.75 -8.77 -9.47
C LYS A 199 16.61 -7.52 -9.61
N THR A 200 16.23 -6.63 -10.51
CA THR A 200 16.97 -5.40 -10.68
CA THR A 200 17.00 -5.36 -10.65
C THR A 200 16.98 -4.53 -9.37
N THR A 201 15.82 -4.46 -8.74
CA THR A 201 15.76 -3.73 -7.46
C THR A 201 16.70 -4.29 -6.44
N PHE A 202 16.69 -5.61 -6.30
CA PHE A 202 17.54 -6.28 -5.33
C PHE A 202 19.05 -6.01 -5.63
N ASP A 203 19.41 -6.15 -6.89
CA ASP A 203 20.83 -6.04 -7.30
C ASP A 203 21.30 -4.60 -7.13
N GLU A 204 20.50 -3.62 -7.47
CA GLU A 204 20.93 -2.25 -7.34
CA GLU A 204 20.88 -2.21 -7.35
C GLU A 204 21.02 -1.84 -5.88
N ALA A 205 20.15 -2.38 -5.04
CA ALA A 205 20.26 -2.09 -3.59
C ALA A 205 21.56 -2.73 -3.05
N MET A 206 21.81 -4.00 -3.40
CA MET A 206 23.00 -4.67 -2.86
CA MET A 206 23.03 -4.71 -2.95
C MET A 206 24.25 -3.83 -3.14
N ALA A 207 24.35 -3.26 -4.34
CA ALA A 207 25.51 -2.47 -4.74
C ALA A 207 25.64 -1.14 -4.00
N ASP A 208 24.56 -0.67 -3.33
CA ASP A 208 24.58 0.59 -2.65
C ASP A 208 24.67 0.39 -1.07
N LEU A 209 24.62 -0.87 -0.61
CA LEU A 209 24.66 -1.11 0.82
C LEU A 209 25.90 -0.56 1.48
N HIS A 210 27.01 -0.52 0.76
CA HIS A 210 28.30 -0.10 1.38
C HIS A 210 28.26 1.34 1.88
N THR A 211 27.26 2.12 1.41
CA THR A 211 27.12 3.50 1.82
C THR A 211 26.37 3.73 3.12
N LEU A 212 25.80 2.67 3.69
CA LEU A 212 24.86 2.76 4.78
C LEU A 212 25.48 2.55 6.16
N SER A 213 24.95 3.28 7.14
CA SER A 213 25.18 2.90 8.57
C SER A 213 24.58 1.58 8.94
N GLU A 214 24.95 1.09 10.13
CA GLU A 214 24.45 -0.18 10.63
CA GLU A 214 24.46 -0.17 10.60
C GLU A 214 22.92 -0.18 10.66
N ASP A 215 22.33 0.91 11.15
CA ASP A 215 20.86 0.87 11.29
C ASP A 215 20.14 0.96 9.93
N SER A 216 20.64 1.79 9.03
CA SER A 216 20.09 1.91 7.66
C SER A 216 20.28 0.59 6.93
N TYR A 217 21.44 -0.04 7.15
CA TYR A 217 21.68 -1.36 6.52
CA TYR A 217 21.70 -1.35 6.56
C TYR A 217 20.64 -2.37 6.94
N LYS A 218 20.30 -2.39 8.24
CA LYS A 218 19.29 -3.31 8.76
CA LYS A 218 19.30 -3.32 8.74
C LYS A 218 17.94 -3.01 8.09
N ASP A 219 17.58 -1.72 7.98
CA ASP A 219 16.25 -1.31 7.39
C ASP A 219 16.15 -1.81 5.92
N SER A 220 17.22 -1.53 5.16
CA SER A 220 17.26 -1.90 3.71
C SER A 220 17.30 -3.41 3.49
N THR A 221 18.14 -4.11 4.24
CA THR A 221 18.28 -5.51 3.98
C THR A 221 17.01 -6.25 4.37
N LEU A 222 16.26 -5.74 5.36
CA LEU A 222 15.00 -6.39 5.71
CA LEU A 222 15.00 -6.37 5.72
C LEU A 222 14.08 -6.42 4.48
N ILE A 223 14.00 -5.31 3.78
CA ILE A 223 13.08 -5.28 2.59
C ILE A 223 13.69 -6.02 1.43
N MET A 224 15.02 -6.03 1.32
CA MET A 224 15.62 -6.82 0.24
C MET A 224 15.33 -8.34 0.43
N GLN A 225 15.24 -8.78 1.71
CA GLN A 225 14.89 -10.17 1.97
C GLN A 225 13.45 -10.49 1.50
N LEU A 226 12.54 -9.53 1.62
CA LEU A 226 11.19 -9.66 1.06
C LEU A 226 11.22 -9.82 -0.46
N LEU A 227 12.06 -9.01 -1.16
CA LEU A 227 12.23 -9.18 -2.58
C LEU A 227 12.78 -10.57 -2.91
N ARG A 228 13.76 -11.03 -2.12
CA ARG A 228 14.36 -12.34 -2.36
CA ARG A 228 14.37 -12.35 -2.30
C ARG A 228 13.33 -13.45 -2.10
N ASP A 229 12.50 -13.28 -1.05
CA ASP A 229 11.44 -14.28 -0.70
C ASP A 229 10.45 -14.44 -1.89
N ASN A 230 10.07 -13.31 -2.48
CA ASN A 230 9.19 -13.39 -3.68
C ASN A 230 9.85 -14.02 -4.85
N LEU A 231 11.11 -13.66 -5.13
CA LEU A 231 11.86 -14.25 -6.25
C LEU A 231 11.98 -15.77 -6.07
N THR A 232 12.14 -16.19 -4.83
CA THR A 232 12.13 -17.63 -4.54
C THR A 232 10.75 -18.26 -4.77
N LEU A 233 9.67 -17.57 -4.39
CA LEU A 233 8.32 -18.08 -4.62
CA LEU A 233 8.32 -18.08 -4.62
C LEU A 233 8.03 -18.13 -6.13
N TRP A 234 8.60 -17.20 -6.89
CA TRP A 234 8.23 -17.02 -8.31
C TRP A 234 9.08 -17.74 -9.33
N THR A 235 10.21 -18.29 -8.89
CA THR A 235 11.13 -18.92 -9.82
C THR A 235 11.43 -20.36 -9.36
MG MG B . -5.98 22.87 17.11
MG MG C . 4.15 20.62 0.55
MG MG D . -19.71 -6.29 -5.44
CL CL E . 3.60 20.49 -4.09
CL CL F . -27.42 -5.19 0.32
CL CL G . -11.18 8.83 22.63
C1 GOL H . 20.04 -8.70 1.77
O1 GOL H . 19.00 -9.10 2.67
C2 GOL H . 21.39 -9.31 2.14
O2 GOL H . 21.82 -10.21 1.15
C3 GOL H . 22.45 -8.25 2.24
O3 GOL H . 23.70 -8.84 1.97
OAW 0KB I . 0.23 -5.24 -0.04
PAV 0KB I . 0.24 -6.82 0.06
OAY 0KB I . -0.56 -7.57 -1.04
OAX 0KB I . -0.25 -7.14 1.46
CAQ 0KB I . 1.98 -7.34 -0.14
CAR 0KB I . 2.95 -6.40 -0.50
CAS 0KB I . 4.30 -6.88 -0.65
CAT 0KB I . 4.65 -8.22 -0.45
CAU 0KB I . 3.65 -9.14 -0.10
CAP 0KB I . 2.31 -8.68 0.02
OAO 0KB I . 1.29 -9.56 0.35
CAA 0KB I . 1.57 -10.79 1.08
CAB 0KB I . 0.28 -11.18 1.89
OAD 0KB I . 0.19 -12.31 2.38
NAC 0KB I . -0.65 -10.18 1.97
CAE 0KB I . -1.79 -10.31 2.67
CAF 0KB I . -2.64 -11.41 2.57
CAG 0KB I . -3.82 -11.46 3.35
CAK 0KB I . -4.67 -12.58 3.29
FAM 0KB I . -5.11 -12.99 4.51
FAN 0KB I . -3.98 -13.73 2.85
FAL 0KB I . -5.72 -12.23 2.47
CAH 0KB I . -4.15 -10.39 4.20
CAI 0KB I . -3.31 -9.31 4.30
CAJ 0KB I . -2.13 -9.27 3.53
#